data_3K5W
#
_entry.id   3K5W
#
_cell.length_a   119.955
_cell.length_b   119.955
_cell.length_c   162.226
_cell.angle_alpha   90.00
_cell.angle_beta   90.00
_cell.angle_gamma   90.00
#
_symmetry.space_group_name_H-M   'I 4 2 2'
#
loop_
_entity.id
_entity.type
_entity.pdbx_description
1 polymer 'Carbohydrate kinase'
2 non-polymer 'PHOSPHATE ION'
3 water water
#
_entity_poly.entity_id   1
_entity_poly.type   'polypeptide(L)'
_entity_poly.pdbx_seq_one_letter_code
;(MSE)SLSVYEKVNALDKRAIEELFLSEDIL(MSE)ENAA(MSE)ALERAVLQNASLGAKVIILCGSGDNGGDGYALARR
LVGRFRVLVFE(MSE)KLTKSP(MSE)CQLQKERAKKAGVVIKTYEENALNQNLECDVLIDCVIGSHFKGKLEPFLNFES
LSQKARFKIACDIPSGIDSKGRVDKRAFKADLTIS(MSE)GAIKSCLLSDRAKDYVGELKVGHLGVFNPIYEIPTDTFLL
EKSDLKLPLRDKKNAHKGDYGHAHVLLGKHSGAGLLSALSALSFGSGVVSVQALECEITSNNKPLELVFCENFPNLLSAF
ALG(MSE)GLENIPKDFNRWLELAPCVLDAGVFYHKEILQALEKEAVLTPHPKEFLSLLNLVGINIS(MSE)LELLDNKL
EIARDFSQKYPKVVLLLKGANTLIAHQGQVFINILGSVALAKAGSGDVLAGLILSLLSQNYTPLDAAINASLAHALASLE
FKNNYALTPLDLIEKIKQLEGHHHHHH
;
_entity_poly.pdbx_strand_id   A
#
# COMPACT_ATOMS: atom_id res chain seq x y z
N SER A 2 11.81 -1.49 2.28
CA SER A 2 11.09 -0.21 2.58
C SER A 2 11.62 0.92 1.71
N LEU A 3 10.72 1.61 1.02
CA LEU A 3 11.13 2.72 0.18
C LEU A 3 10.57 3.99 0.77
N SER A 4 11.37 5.04 0.72
CA SER A 4 10.97 6.34 1.23
C SER A 4 9.86 6.88 0.32
N VAL A 5 8.88 7.56 0.92
CA VAL A 5 7.78 8.12 0.15
C VAL A 5 7.66 9.62 0.39
N TYR A 6 7.33 10.37 -0.66
CA TYR A 6 7.21 11.81 -0.54
C TYR A 6 5.93 12.29 -1.23
N GLU A 7 5.32 13.35 -0.70
CA GLU A 7 4.11 13.90 -1.30
C GLU A 7 4.53 14.67 -2.55
N LYS A 8 5.68 15.32 -2.46
CA LYS A 8 6.26 16.07 -3.57
C LYS A 8 7.77 15.90 -3.49
N VAL A 9 8.43 15.80 -4.63
CA VAL A 9 9.88 15.66 -4.65
C VAL A 9 10.53 16.99 -5.00
N ASN A 10 9.75 18.07 -4.91
CA ASN A 10 10.26 19.39 -5.23
C ASN A 10 11.55 19.66 -4.49
N ALA A 11 11.49 19.57 -3.17
CA ALA A 11 12.66 19.81 -2.34
C ALA A 11 13.85 18.93 -2.77
N LEU A 12 13.57 17.66 -3.11
CA LEU A 12 14.64 16.74 -3.52
C LEU A 12 15.32 17.13 -4.83
N ASP A 13 14.55 17.62 -5.79
CA ASP A 13 15.12 18.05 -7.07
C ASP A 13 15.97 19.28 -6.81
N LYS A 14 15.42 20.18 -6.02
CA LYS A 14 16.07 21.42 -5.62
C LYS A 14 17.42 21.06 -5.01
N ARG A 15 17.40 20.16 -4.04
CA ARG A 15 18.59 19.71 -3.33
C ARG A 15 19.57 18.94 -4.21
N ALA A 16 19.06 18.33 -5.28
CA ALA A 16 19.90 17.57 -6.19
C ALA A 16 20.79 18.54 -6.95
N ILE A 17 20.30 19.78 -7.07
CA ILE A 17 21.00 20.84 -7.76
C ILE A 17 21.84 21.70 -6.81
N GLU A 18 21.27 22.07 -5.67
CA GLU A 18 21.97 22.93 -4.70
C GLU A 18 22.97 22.22 -3.79
N GLU A 19 22.66 21.01 -3.35
CA GLU A 19 23.56 20.25 -2.47
C GLU A 19 24.42 19.22 -3.20
N LEU A 20 23.82 18.53 -4.18
CA LEU A 20 24.53 17.50 -4.94
C LEU A 20 25.24 17.98 -6.19
N PHE A 21 25.00 19.24 -6.58
CA PHE A 21 25.63 19.81 -7.76
C PHE A 21 25.28 19.10 -9.06
N LEU A 22 24.09 18.54 -9.15
CA LEU A 22 23.64 17.89 -10.36
C LEU A 22 22.96 19.00 -11.16
N SER A 23 22.93 18.85 -12.49
CA SER A 23 22.29 19.84 -13.33
C SER A 23 20.94 19.26 -13.75
N GLU A 24 20.04 20.13 -14.20
CA GLU A 24 18.75 19.65 -14.66
C GLU A 24 18.94 18.74 -15.87
N ASP A 25 19.92 19.06 -16.73
CA ASP A 25 20.21 18.25 -17.90
C ASP A 25 20.53 16.78 -17.52
N ILE A 26 21.33 16.60 -16.48
CA ILE A 26 21.72 15.29 -15.98
C ILE A 26 20.52 14.58 -15.35
N LEU A 27 19.67 15.31 -14.63
CA LEU A 27 18.50 14.67 -14.04
C LEU A 27 17.61 14.11 -15.14
N GLU A 29 18.35 13.50 -18.40
CA GLU A 29 19.01 12.48 -19.20
C GLU A 29 18.87 11.15 -18.48
N ASN A 30 19.02 11.17 -17.16
CA ASN A 30 18.90 9.96 -16.38
C ASN A 30 17.47 9.47 -16.40
N ALA A 31 16.52 10.40 -16.28
CA ALA A 31 15.11 10.05 -16.31
C ALA A 31 14.87 9.35 -17.62
N ALA A 32 15.50 9.84 -18.67
CA ALA A 32 15.35 9.26 -20.01
C ALA A 32 15.92 7.85 -20.07
N ALA A 34 16.05 5.76 -17.43
CA ALA A 34 15.13 4.94 -16.67
C ALA A 34 13.98 4.50 -17.57
N LEU A 35 13.52 5.43 -18.41
CA LEU A 35 12.44 5.13 -19.33
C LEU A 35 12.92 4.14 -20.38
N GLU A 36 14.15 4.33 -20.84
CA GLU A 36 14.73 3.47 -21.84
C GLU A 36 14.81 2.03 -21.33
N ARG A 37 15.27 1.89 -20.09
CA ARG A 37 15.42 0.59 -19.45
C ARG A 37 14.06 -0.10 -19.41
N ALA A 38 13.00 0.67 -19.17
CA ALA A 38 11.65 0.13 -19.10
C ALA A 38 11.17 -0.35 -20.46
N VAL A 39 11.58 0.35 -21.52
CA VAL A 39 11.17 -0.04 -22.86
C VAL A 39 11.91 -1.31 -23.29
N LEU A 40 13.21 -1.36 -23.01
CA LEU A 40 14.03 -2.53 -23.34
C LEU A 40 13.58 -3.78 -22.60
N GLN A 41 12.99 -3.58 -21.42
CA GLN A 41 12.52 -4.68 -20.59
C GLN A 41 11.14 -5.20 -20.98
N ASN A 42 10.40 -4.46 -21.80
CA ASN A 42 9.07 -4.90 -22.19
C ASN A 42 8.77 -4.81 -23.68
N ALA A 43 9.80 -4.63 -24.51
CA ALA A 43 9.59 -4.55 -25.94
C ALA A 43 10.84 -4.94 -26.71
N SER A 44 10.67 -5.73 -27.77
CA SER A 44 11.80 -6.18 -28.58
C SER A 44 12.37 -5.08 -29.46
N LEU A 45 13.64 -5.27 -29.82
CA LEU A 45 14.39 -4.33 -30.65
C LEU A 45 13.82 -4.20 -32.04
N GLY A 46 12.85 -3.29 -32.22
CA GLY A 46 12.25 -3.10 -33.52
C GLY A 46 10.80 -2.68 -33.41
N ALA A 47 10.22 -2.93 -32.24
CA ALA A 47 8.83 -2.59 -31.99
C ALA A 47 8.52 -1.10 -32.23
N LYS A 48 7.23 -0.80 -32.33
CA LYS A 48 6.75 0.56 -32.54
C LYS A 48 6.51 1.16 -31.16
N VAL A 49 7.08 2.33 -30.92
CA VAL A 49 6.91 3.00 -29.63
C VAL A 49 6.32 4.39 -29.80
N ILE A 50 5.19 4.63 -29.14
CA ILE A 50 4.56 5.95 -29.22
C ILE A 50 4.76 6.67 -27.89
N ILE A 51 5.22 7.91 -28.00
CA ILE A 51 5.47 8.72 -26.83
C ILE A 51 4.66 10.01 -26.91
N LEU A 52 3.79 10.22 -25.94
CA LEU A 52 2.96 11.43 -25.90
C LEU A 52 3.69 12.47 -25.05
N CYS A 53 3.95 13.64 -25.61
CA CYS A 53 4.64 14.69 -24.87
C CYS A 53 3.81 15.91 -24.50
N GLY A 54 3.84 16.26 -23.21
CA GLY A 54 3.14 17.43 -22.71
C GLY A 54 4.02 18.65 -22.91
N SER A 55 3.71 19.75 -22.24
CA SER A 55 4.47 20.99 -22.42
C SER A 55 5.53 21.33 -21.38
N GLY A 56 5.58 20.56 -20.30
CA GLY A 56 6.56 20.82 -19.27
C GLY A 56 7.71 19.85 -19.27
N ASP A 57 8.36 19.71 -18.11
CA ASP A 57 9.50 18.82 -17.93
C ASP A 57 9.17 17.32 -18.12
N ASN A 58 7.91 16.96 -17.89
CA ASN A 58 7.48 15.58 -18.07
C ASN A 58 7.64 15.30 -19.56
N GLY A 59 7.06 16.17 -20.39
CA GLY A 59 7.19 16.02 -21.83
C GLY A 59 8.67 16.05 -22.19
N GLY A 60 9.44 16.80 -21.42
CA GLY A 60 10.87 16.89 -21.66
C GLY A 60 11.47 15.48 -21.60
N ASP A 61 11.08 14.72 -20.58
CA ASP A 61 11.55 13.34 -20.43
C ASP A 61 11.25 12.57 -21.71
N GLY A 62 10.05 12.78 -22.22
CA GLY A 62 9.60 12.11 -23.43
C GLY A 62 10.40 12.40 -24.68
N TYR A 63 10.85 13.64 -24.84
CA TYR A 63 11.64 14.03 -26.00
C TYR A 63 13.05 13.51 -25.86
N ALA A 64 13.52 13.47 -24.62
CA ALA A 64 14.86 12.98 -24.33
C ALA A 64 14.87 11.48 -24.64
N LEU A 65 13.82 10.78 -24.22
CA LEU A 65 13.68 9.36 -24.46
C LEU A 65 13.61 9.04 -25.96
N ALA A 66 12.74 9.76 -26.67
CA ALA A 66 12.57 9.59 -28.10
C ALA A 66 13.95 9.64 -28.74
N ARG A 67 14.72 10.63 -28.33
CA ARG A 67 16.07 10.81 -28.84
C ARG A 67 16.89 9.54 -28.66
N ARG A 68 16.90 9.01 -27.43
CA ARG A 68 17.67 7.82 -27.08
C ARG A 68 17.25 6.52 -27.77
N LEU A 69 16.03 6.46 -28.29
CA LEU A 69 15.53 5.25 -28.94
C LEU A 69 15.77 5.19 -30.46
N VAL A 70 16.02 6.34 -31.07
CA VAL A 70 16.27 6.39 -32.50
C VAL A 70 17.29 5.32 -32.92
N GLY A 71 16.93 4.49 -33.89
CA GLY A 71 17.82 3.45 -34.36
C GLY A 71 17.57 2.05 -33.81
N ARG A 72 16.89 1.95 -32.67
CA ARG A 72 16.61 0.65 -32.07
C ARG A 72 15.11 0.37 -32.03
N PHE A 73 14.31 1.39 -32.35
CA PHE A 73 12.85 1.26 -32.33
C PHE A 73 12.23 2.23 -33.31
N ARG A 74 10.98 1.98 -33.69
CA ARG A 74 10.28 2.88 -34.58
C ARG A 74 9.51 3.82 -33.65
N VAL A 75 10.00 5.04 -33.56
CA VAL A 75 9.45 6.03 -32.66
C VAL A 75 8.62 7.13 -33.30
N LEU A 76 7.47 7.38 -32.71
CA LEU A 76 6.56 8.43 -33.14
C LEU A 76 6.24 9.25 -31.90
N VAL A 77 6.55 10.54 -31.95
CA VAL A 77 6.27 11.38 -30.82
C VAL A 77 5.08 12.27 -31.14
N PHE A 78 4.07 12.21 -30.29
CA PHE A 78 2.89 13.05 -30.45
C PHE A 78 3.00 14.21 -29.47
N GLU A 79 3.13 15.41 -30.01
CA GLU A 79 3.22 16.63 -29.21
C GLU A 79 1.80 17.03 -28.79
N LYS A 81 0.83 18.95 -26.40
CA LYS A 81 0.76 20.37 -26.11
C LYS A 81 2.05 20.99 -26.61
N LEU A 82 1.97 22.23 -27.08
CA LEU A 82 3.18 22.90 -27.55
C LEU A 82 4.12 23.02 -26.36
N THR A 83 5.42 23.07 -26.63
CA THR A 83 6.41 23.17 -25.57
C THR A 83 6.42 24.54 -24.91
N LYS A 84 6.57 24.57 -23.59
CA LYS A 84 6.61 25.82 -22.84
C LYS A 84 7.91 25.89 -22.03
N SER A 85 8.05 24.93 -21.12
CA SER A 85 9.23 24.86 -20.27
C SER A 85 10.50 24.90 -21.11
N PRO A 86 11.57 25.52 -20.58
CA PRO A 86 12.80 25.57 -21.37
C PRO A 86 13.40 24.18 -21.64
N CYS A 88 11.94 21.45 -21.86
CA CYS A 88 11.09 20.78 -22.82
C CYS A 88 11.44 21.25 -24.25
N GLN A 89 11.63 22.56 -24.42
CA GLN A 89 11.95 23.08 -25.73
C GLN A 89 13.31 22.62 -26.18
N LEU A 90 14.25 22.53 -25.25
CA LEU A 90 15.60 22.09 -25.59
C LEU A 90 15.56 20.65 -26.08
N GLN A 91 14.88 19.79 -25.31
CA GLN A 91 14.78 18.39 -25.66
C GLN A 91 14.03 18.16 -26.97
N LYS A 92 13.09 19.05 -27.30
CA LYS A 92 12.34 18.90 -28.54
C LYS A 92 13.30 19.16 -29.70
N GLU A 93 14.11 20.21 -29.55
CA GLU A 93 15.08 20.56 -30.59
C GLU A 93 16.07 19.43 -30.75
N ARG A 94 16.49 18.84 -29.64
CA ARG A 94 17.44 17.76 -29.68
C ARG A 94 16.85 16.55 -30.40
N ALA A 95 15.58 16.26 -30.12
CA ALA A 95 14.89 15.14 -30.78
C ALA A 95 14.84 15.34 -32.29
N LYS A 96 14.40 16.52 -32.73
CA LYS A 96 14.32 16.79 -34.17
C LYS A 96 15.70 16.59 -34.80
N LYS A 97 16.72 17.14 -34.18
CA LYS A 97 18.06 17.03 -34.69
C LYS A 97 18.61 15.62 -34.60
N ALA A 98 17.99 14.79 -33.77
CA ALA A 98 18.44 13.42 -33.59
C ALA A 98 17.64 12.46 -34.47
N GLY A 99 16.93 13.00 -35.45
CA GLY A 99 16.15 12.16 -36.36
C GLY A 99 14.90 11.51 -35.78
N VAL A 100 14.22 12.22 -34.88
CA VAL A 100 13.00 11.71 -34.28
C VAL A 100 11.78 12.21 -35.05
N VAL A 101 10.80 11.33 -35.25
CA VAL A 101 9.60 11.74 -35.96
C VAL A 101 8.61 12.30 -34.95
N ILE A 102 8.40 13.61 -35.00
CA ILE A 102 7.47 14.27 -34.09
C ILE A 102 6.32 14.81 -34.89
N LYS A 103 5.10 14.44 -34.50
CA LYS A 103 3.93 14.91 -35.18
C LYS A 103 3.04 15.61 -34.18
N THR A 104 2.30 16.61 -34.65
CA THR A 104 1.36 17.34 -33.82
C THR A 104 0.07 16.54 -33.88
N TYR A 105 -0.51 16.25 -32.72
CA TYR A 105 -1.73 15.46 -32.67
C TYR A 105 -3.01 16.29 -32.86
N GLU A 106 -4.08 15.59 -33.21
CA GLU A 106 -5.38 16.20 -33.39
C GLU A 106 -6.47 15.13 -33.40
N GLU A 107 -7.58 15.42 -32.73
CA GLU A 107 -8.71 14.50 -32.63
C GLU A 107 -9.11 13.85 -33.95
N ASN A 108 -9.19 14.63 -35.02
CA ASN A 108 -9.56 14.08 -36.32
C ASN A 108 -8.53 13.08 -36.83
N ASN A 113 -4.03 5.26 -36.24
CA ASN A 113 -3.00 4.23 -36.05
C ASN A 113 -2.17 4.46 -34.77
N LEU A 114 -2.85 4.69 -33.65
CA LEU A 114 -2.15 4.89 -32.38
C LEU A 114 -1.74 3.51 -31.91
N GLU A 115 -1.69 2.58 -32.86
CA GLU A 115 -1.33 1.20 -32.59
C GLU A 115 0.17 1.19 -32.36
N CYS A 116 0.61 0.53 -31.30
CA CYS A 116 2.02 0.48 -30.97
C CYS A 116 2.29 -0.68 -30.02
N ASP A 117 3.56 -1.00 -29.83
CA ASP A 117 3.94 -2.07 -28.94
C ASP A 117 4.02 -1.56 -27.51
N VAL A 118 4.41 -0.30 -27.39
CA VAL A 118 4.52 0.34 -26.08
C VAL A 118 4.27 1.82 -26.22
N LEU A 119 3.29 2.30 -25.47
CA LEU A 119 2.89 3.71 -25.45
C LEU A 119 3.43 4.30 -24.14
N ILE A 120 3.98 5.49 -24.23
CA ILE A 120 4.53 6.13 -23.04
C ILE A 120 3.88 7.47 -22.77
N ASP A 121 3.29 7.60 -21.59
CA ASP A 121 2.61 8.80 -21.13
C ASP A 121 3.58 9.82 -20.53
N CYS A 122 3.82 10.91 -21.25
CA CYS A 122 4.70 11.98 -20.76
C CYS A 122 3.99 13.33 -20.90
N VAL A 123 2.68 13.34 -20.68
CA VAL A 123 1.90 14.56 -20.85
C VAL A 123 1.95 15.53 -19.68
N ILE A 124 1.53 15.07 -18.50
CA ILE A 124 1.57 15.92 -17.32
C ILE A 124 2.19 15.13 -16.17
N GLY A 125 3.02 15.80 -15.39
CA GLY A 125 3.69 15.13 -14.28
C GLY A 125 3.04 15.29 -12.91
N SER A 126 3.82 15.81 -11.98
CA SER A 126 3.40 16.00 -10.60
C SER A 126 2.78 17.35 -10.31
N HIS A 127 2.43 18.09 -11.35
CA HIS A 127 1.83 19.41 -11.15
C HIS A 127 0.41 19.47 -11.70
N PHE A 128 -0.17 18.30 -11.97
CA PHE A 128 -1.53 18.19 -12.49
C PHE A 128 -2.49 18.95 -11.59
N LYS A 129 -3.30 19.82 -12.19
CA LYS A 129 -4.26 20.60 -11.43
C LYS A 129 -5.70 20.43 -11.91
N GLY A 130 -6.57 20.09 -10.98
CA GLY A 130 -7.99 19.96 -11.28
C GLY A 130 -8.55 19.10 -12.39
N LYS A 131 -8.49 19.56 -13.64
CA LYS A 131 -9.10 18.77 -14.71
C LYS A 131 -8.35 18.56 -16.03
N LEU A 132 -8.53 17.37 -16.59
CA LEU A 132 -7.92 16.98 -17.86
C LEU A 132 -8.89 17.33 -18.98
N GLU A 133 -8.40 18.01 -20.01
CA GLU A 133 -9.23 18.41 -21.14
C GLU A 133 -9.76 17.21 -21.95
N PRO A 134 -10.86 17.42 -22.70
CA PRO A 134 -11.49 16.38 -23.52
C PRO A 134 -10.64 15.65 -24.55
N PHE A 135 -9.67 16.32 -25.15
CA PHE A 135 -8.83 15.68 -26.16
C PHE A 135 -7.76 14.78 -25.51
N LEU A 136 -7.73 14.79 -24.19
CA LEU A 136 -6.78 13.98 -23.46
C LEU A 136 -7.47 12.74 -22.91
N ASN A 137 -8.18 12.02 -23.78
CA ASN A 137 -8.86 10.79 -23.38
C ASN A 137 -7.89 9.64 -23.60
N PHE A 138 -7.00 9.43 -22.63
CA PHE A 138 -6.00 8.37 -22.72
C PHE A 138 -6.62 6.99 -22.92
N GLU A 139 -7.78 6.77 -22.31
CA GLU A 139 -8.47 5.49 -22.47
C GLU A 139 -8.52 5.18 -23.96
N SER A 140 -8.85 6.22 -24.73
CA SER A 140 -8.95 6.11 -26.18
C SER A 140 -7.59 6.07 -26.86
N LEU A 141 -6.71 7.00 -26.45
CA LEU A 141 -5.37 7.12 -26.99
C LEU A 141 -4.58 5.82 -26.90
N SER A 142 -4.89 5.03 -25.89
CA SER A 142 -4.19 3.78 -25.64
C SER A 142 -4.97 2.50 -25.87
N GLN A 143 -6.03 2.56 -26.68
CA GLN A 143 -6.82 1.37 -26.94
C GLN A 143 -6.08 0.37 -27.82
N LYS A 144 -5.12 0.86 -28.59
CA LYS A 144 -4.36 -0.01 -29.50
C LYS A 144 -2.89 -0.12 -29.10
N ALA A 145 -2.63 -0.13 -27.80
CA ALA A 145 -1.28 -0.22 -27.27
C ALA A 145 -1.10 -1.47 -26.42
N ARG A 146 -0.09 -2.27 -26.75
CA ARG A 146 0.17 -3.50 -26.00
C ARG A 146 0.64 -3.21 -24.59
N PHE A 147 1.70 -2.40 -24.48
CA PHE A 147 2.22 -2.06 -23.18
C PHE A 147 2.14 -0.53 -22.96
N LYS A 148 1.67 -0.14 -21.79
CA LYS A 148 1.52 1.27 -21.42
C LYS A 148 2.41 1.61 -20.23
N ILE A 149 3.29 2.60 -20.44
CA ILE A 149 4.22 3.05 -19.41
C ILE A 149 4.00 4.52 -19.06
N ALA A 150 3.89 4.81 -17.78
CA ALA A 150 3.69 6.18 -17.31
C ALA A 150 4.99 6.77 -16.78
N CYS A 151 5.33 7.97 -17.27
CA CYS A 151 6.53 8.68 -16.84
C CYS A 151 6.29 9.47 -15.56
N ASP A 152 6.85 8.97 -14.46
CA ASP A 152 6.75 9.59 -13.14
C ASP A 152 5.42 9.38 -12.44
N ILE A 153 4.34 9.83 -13.08
CA ILE A 153 2.98 9.73 -12.54
C ILE A 153 1.98 9.73 -13.69
N PRO A 154 1.00 8.82 -13.70
CA PRO A 154 0.05 8.84 -14.81
C PRO A 154 -0.66 10.20 -14.91
N SER A 155 -0.71 10.74 -16.12
CA SER A 155 -1.37 12.01 -16.39
C SER A 155 -2.79 11.99 -15.82
N GLY A 156 -3.12 12.95 -14.97
CA GLY A 156 -4.45 13.01 -14.39
C GLY A 156 -4.54 12.62 -12.92
N ILE A 157 -3.39 12.51 -12.27
CA ILE A 157 -3.38 12.17 -10.87
C ILE A 157 -2.71 13.29 -10.09
N ASP A 158 -3.43 13.83 -9.11
CA ASP A 158 -2.90 14.92 -8.30
C ASP A 158 -2.15 14.43 -7.07
N SER A 159 -1.49 15.36 -6.40
CA SER A 159 -0.68 15.06 -5.23
C SER A 159 -1.42 14.37 -4.09
N LYS A 160 -2.73 14.54 -4.00
CA LYS A 160 -3.51 13.93 -2.93
C LYS A 160 -3.99 12.53 -3.25
N GLY A 161 -3.75 12.06 -4.48
CA GLY A 161 -4.15 10.72 -4.86
C GLY A 161 -5.49 10.61 -5.58
N ARG A 162 -6.06 11.74 -5.97
CA ARG A 162 -7.33 11.74 -6.69
C ARG A 162 -7.08 11.56 -8.18
N VAL A 163 -7.90 10.74 -8.84
CA VAL A 163 -7.71 10.46 -10.26
C VAL A 163 -8.77 11.00 -11.23
N ASP A 164 -8.32 11.76 -12.22
CA ASP A 164 -9.22 12.32 -13.22
C ASP A 164 -9.91 11.18 -13.96
N LYS A 165 -11.13 11.42 -14.42
CA LYS A 165 -11.89 10.38 -15.11
C LYS A 165 -11.15 9.80 -16.32
N ARG A 166 -10.44 10.65 -17.06
CA ARG A 166 -9.72 10.15 -18.22
C ARG A 166 -8.21 10.01 -18.00
N ALA A 167 -7.82 9.82 -16.75
CA ALA A 167 -6.42 9.65 -16.38
C ALA A 167 -5.82 8.50 -17.16
N PHE A 168 -4.49 8.45 -17.21
CA PHE A 168 -3.81 7.40 -17.94
C PHE A 168 -3.72 6.13 -17.09
N LYS A 169 -3.88 4.98 -17.74
CA LYS A 169 -3.78 3.70 -17.05
C LYS A 169 -2.55 3.01 -17.60
N ALA A 170 -1.53 2.84 -16.76
CA ALA A 170 -0.29 2.21 -17.19
C ALA A 170 -0.06 0.84 -16.56
N ASP A 171 0.70 -0.01 -17.25
CA ASP A 171 1.01 -1.32 -16.71
C ASP A 171 2.19 -1.09 -15.75
N LEU A 172 3.04 -0.14 -16.13
CA LEU A 172 4.21 0.21 -15.34
C LEU A 172 4.37 1.71 -15.16
N THR A 173 4.66 2.13 -13.93
CA THR A 173 4.88 3.53 -13.64
C THR A 173 6.31 3.68 -13.14
N ILE A 174 7.06 4.58 -13.75
CA ILE A 174 8.44 4.81 -13.35
C ILE A 174 8.53 6.12 -12.55
N SER A 175 8.41 6.00 -11.24
CA SER A 175 8.47 7.15 -10.36
C SER A 175 9.91 7.68 -10.39
N GLY A 177 13.26 9.59 -9.26
CA GLY A 177 13.93 9.96 -8.02
C GLY A 177 13.45 9.20 -6.79
N ALA A 178 12.14 9.13 -6.62
CA ALA A 178 11.54 8.45 -5.49
C ALA A 178 10.03 8.35 -5.67
N ILE A 179 9.41 7.51 -4.85
CA ILE A 179 7.96 7.27 -4.87
C ILE A 179 7.14 8.43 -4.29
N LYS A 180 6.07 8.81 -5.00
CA LYS A 180 5.19 9.86 -4.48
C LYS A 180 3.99 9.20 -3.81
N SER A 181 3.44 9.87 -2.81
CA SER A 181 2.28 9.39 -2.06
C SER A 181 1.12 9.05 -2.99
N CYS A 182 0.82 9.99 -3.88
CA CYS A 182 -0.27 9.86 -4.84
C CYS A 182 -0.32 8.53 -5.60
N LEU A 183 0.84 7.95 -5.87
CA LEU A 183 0.85 6.68 -6.59
C LEU A 183 0.33 5.54 -5.73
N LEU A 184 0.20 5.77 -4.43
CA LEU A 184 -0.26 4.76 -3.49
C LEU A 184 -1.69 4.93 -2.98
N SER A 185 -2.47 5.79 -3.62
CA SER A 185 -3.85 5.98 -3.18
C SER A 185 -4.66 4.78 -3.64
N ASP A 186 -5.65 4.38 -2.84
CA ASP A 186 -6.49 3.25 -3.17
C ASP A 186 -7.08 3.37 -4.57
N ARG A 187 -7.60 4.56 -4.88
CA ARG A 187 -8.20 4.83 -6.17
C ARG A 187 -7.20 4.82 -7.32
N ALA A 188 -5.93 5.09 -7.01
CA ALA A 188 -4.91 5.10 -8.04
C ALA A 188 -4.33 3.72 -8.38
N LYS A 189 -4.65 2.72 -7.56
CA LYS A 189 -4.12 1.38 -7.81
C LYS A 189 -4.40 0.94 -9.24
N ASP A 190 -5.61 1.20 -9.71
CA ASP A 190 -5.99 0.80 -11.05
C ASP A 190 -5.37 1.59 -12.20
N TYR A 191 -4.55 2.58 -11.87
CA TYR A 191 -3.93 3.42 -12.90
C TYR A 191 -2.41 3.40 -12.95
N VAL A 192 -1.78 2.99 -11.86
CA VAL A 192 -0.33 3.00 -11.81
C VAL A 192 0.38 1.72 -12.22
N GLY A 193 -0.32 0.60 -12.19
CA GLY A 193 0.32 -0.64 -12.57
C GLY A 193 1.46 -0.95 -11.62
N GLU A 194 2.59 -1.39 -12.15
CA GLU A 194 3.72 -1.71 -11.29
C GLU A 194 4.50 -0.42 -10.99
N LEU A 195 4.95 -0.29 -9.73
CA LEU A 195 5.73 0.88 -9.32
C LEU A 195 7.21 0.55 -9.33
N LYS A 196 7.99 1.35 -10.03
CA LYS A 196 9.42 1.16 -10.08
C LYS A 196 10.07 2.54 -9.99
N VAL A 197 11.06 2.66 -9.10
CA VAL A 197 11.77 3.92 -8.93
C VAL A 197 12.84 4.07 -10.00
N GLY A 198 12.83 5.22 -10.68
CA GLY A 198 13.82 5.48 -11.70
C GLY A 198 14.89 6.39 -11.09
N HIS A 199 16.14 5.97 -11.12
CA HIS A 199 17.21 6.78 -10.54
C HIS A 199 17.66 7.96 -11.37
N LEU A 200 18.08 9.02 -10.69
CA LEU A 200 18.46 10.27 -11.36
C LEU A 200 19.94 10.61 -11.54
N GLY A 201 20.84 9.66 -11.30
CA GLY A 201 22.25 9.96 -11.48
C GLY A 201 23.07 9.63 -10.25
N VAL A 202 22.39 9.41 -9.13
CA VAL A 202 23.06 9.05 -7.88
C VAL A 202 22.29 7.94 -7.17
N PHE A 203 22.99 7.23 -6.28
CA PHE A 203 22.41 6.14 -5.49
C PHE A 203 21.29 6.83 -4.70
N ASN A 204 20.10 6.22 -4.69
CA ASN A 204 18.93 6.82 -4.06
C ASN A 204 19.03 7.35 -2.63
N PRO A 205 19.77 6.67 -1.74
CA PRO A 205 19.84 7.21 -0.37
C PRO A 205 20.46 8.63 -0.36
N ILE A 206 21.31 8.89 -1.34
CA ILE A 206 21.96 10.19 -1.48
C ILE A 206 20.93 11.21 -1.91
N TYR A 207 20.08 10.81 -2.84
CA TYR A 207 19.03 11.67 -3.36
C TYR A 207 17.92 11.88 -2.32
N GLU A 208 17.67 10.84 -1.53
CA GLU A 208 16.62 10.91 -0.51
C GLU A 208 16.97 11.77 0.69
N ILE A 209 15.93 12.22 1.37
CA ILE A 209 16.03 13.04 2.56
C ILE A 209 15.04 12.44 3.57
N PRO A 210 15.21 12.72 4.86
CA PRO A 210 14.30 12.18 5.88
C PRO A 210 12.83 12.31 5.51
N THR A 211 12.02 11.37 5.98
CA THR A 211 10.60 11.38 5.73
C THR A 211 9.89 10.54 6.79
N ASP A 212 8.57 10.48 6.73
CA ASP A 212 7.81 9.70 7.70
C ASP A 212 6.75 8.87 7.00
N THR A 213 7.02 8.51 5.76
CA THR A 213 6.09 7.71 4.98
C THR A 213 6.93 6.69 4.26
N PHE A 214 6.54 5.43 4.35
CA PHE A 214 7.29 4.35 3.71
C PHE A 214 6.42 3.34 3.02
N LEU A 215 6.93 2.87 1.87
CA LEU A 215 6.25 1.85 1.08
C LEU A 215 6.98 0.57 1.43
N LEU A 216 6.28 -0.37 2.04
CA LEU A 216 6.88 -1.64 2.44
C LEU A 216 7.19 -2.52 1.22
N GLU A 217 8.17 -3.39 1.37
CA GLU A 217 8.54 -4.31 0.28
C GLU A 217 8.48 -5.71 0.84
N LYS A 218 8.51 -6.69 -0.05
CA LYS A 218 8.49 -8.08 0.35
C LYS A 218 9.67 -8.31 1.32
N SER A 219 10.79 -7.65 1.06
CA SER A 219 11.97 -7.84 1.92
C SER A 219 11.80 -7.34 3.36
N ASP A 220 10.86 -6.43 3.61
CA ASP A 220 10.67 -5.94 4.99
C ASP A 220 10.02 -7.00 5.87
N LEU A 221 9.44 -8.03 5.26
CA LEU A 221 8.76 -9.08 6.01
C LEU A 221 9.66 -9.90 6.93
N LYS A 222 9.27 -10.01 8.19
CA LYS A 222 10.02 -10.79 9.17
C LYS A 222 9.17 -11.90 9.78
N LEU A 223 8.99 -12.99 9.05
CA LEU A 223 8.20 -14.12 9.54
C LEU A 223 8.64 -14.50 10.95
N PRO A 224 7.73 -15.09 11.75
CA PRO A 224 8.06 -15.50 13.11
C PRO A 224 8.83 -16.83 13.15
N LEU A 225 9.87 -16.95 12.34
CA LEU A 225 10.66 -18.17 12.29
C LEU A 225 11.42 -18.32 13.59
N ARG A 226 11.28 -19.45 14.26
CA ARG A 226 11.97 -19.66 15.52
C ARG A 226 13.47 -19.89 15.27
N ASP A 227 14.34 -19.22 16.02
CA ASP A 227 15.78 -19.40 15.78
C ASP A 227 16.63 -19.85 16.96
N LYS A 228 16.01 -20.03 18.12
CA LYS A 228 16.73 -20.54 19.29
C LYS A 228 16.23 -21.95 19.42
N LYS A 229 16.92 -22.78 20.20
CA LYS A 229 16.49 -24.15 20.33
C LYS A 229 16.19 -24.51 21.77
N ASN A 230 16.65 -23.67 22.67
CA ASN A 230 16.40 -23.87 24.09
C ASN A 230 15.06 -23.19 24.39
N ALA A 231 14.22 -23.11 23.35
CA ALA A 231 12.91 -22.50 23.46
C ALA A 231 11.87 -23.47 23.99
N HIS A 232 10.95 -22.95 24.79
CA HIS A 232 9.89 -23.75 25.40
C HIS A 232 8.57 -23.12 24.96
N LYS A 233 7.51 -23.90 24.91
CA LYS A 233 6.19 -23.41 24.50
C LYS A 233 5.91 -22.00 25.03
N GLY A 234 6.16 -21.80 26.31
CA GLY A 234 5.92 -20.52 26.96
C GLY A 234 6.64 -19.35 26.32
N ASP A 235 7.83 -19.58 25.77
CA ASP A 235 8.60 -18.52 25.14
C ASP A 235 7.88 -17.92 23.93
N TYR A 236 6.91 -18.65 23.37
CA TYR A 236 6.21 -18.15 22.21
C TYR A 236 4.85 -17.52 22.46
N GLY A 237 4.62 -17.16 23.72
CA GLY A 237 3.40 -16.48 24.13
C GLY A 237 2.10 -17.26 24.26
N HIS A 238 1.13 -16.61 24.90
CA HIS A 238 -0.19 -17.17 25.10
C HIS A 238 -1.19 -16.17 24.55
N ALA A 239 -1.86 -16.55 23.47
CA ALA A 239 -2.83 -15.69 22.84
C ALA A 239 -4.26 -16.07 23.26
N HIS A 240 -5.07 -15.06 23.57
CA HIS A 240 -6.44 -15.28 24.00
C HIS A 240 -7.42 -14.57 23.06
N VAL A 241 -8.35 -15.32 22.49
CA VAL A 241 -9.34 -14.76 21.57
C VAL A 241 -10.74 -14.76 22.22
N LEU A 242 -11.42 -13.62 22.13
CA LEU A 242 -12.78 -13.49 22.66
C LEU A 242 -13.80 -13.70 21.54
N LEU A 243 -14.61 -14.74 21.68
CA LEU A 243 -15.63 -15.09 20.68
C LEU A 243 -16.90 -14.24 20.83
N GLY A 244 -17.26 -13.53 19.77
CA GLY A 244 -18.46 -12.71 19.82
C GLY A 244 -19.67 -13.48 19.33
N LYS A 245 -20.77 -12.76 19.06
CA LYS A 245 -22.00 -13.37 18.58
C LYS A 245 -21.76 -14.20 17.33
N HIS A 246 -20.90 -13.70 16.44
CA HIS A 246 -20.56 -14.42 15.22
C HIS A 246 -19.26 -15.18 15.50
N SER A 247 -19.37 -16.24 16.30
CA SER A 247 -18.23 -17.07 16.71
C SER A 247 -17.22 -17.47 15.65
N GLY A 248 -17.67 -17.58 14.40
CA GLY A 248 -16.76 -17.96 13.33
C GLY A 248 -15.58 -17.03 13.23
N ALA A 249 -15.84 -15.73 13.24
CA ALA A 249 -14.79 -14.73 13.14
C ALA A 249 -13.69 -15.01 14.15
N GLY A 250 -14.02 -14.87 15.44
CA GLY A 250 -13.04 -15.09 16.48
C GLY A 250 -12.31 -16.40 16.35
N LEU A 251 -13.05 -17.45 16.03
CA LEU A 251 -12.48 -18.78 15.86
C LEU A 251 -11.46 -18.80 14.73
N LEU A 252 -11.81 -18.23 13.59
CA LEU A 252 -10.91 -18.18 12.46
C LEU A 252 -9.63 -17.50 12.91
N SER A 253 -9.79 -16.47 13.74
CA SER A 253 -8.66 -15.72 14.27
C SER A 253 -7.76 -16.60 15.12
N ALA A 254 -8.36 -17.40 16.00
CA ALA A 254 -7.59 -18.27 16.87
C ALA A 254 -6.77 -19.25 16.04
N LEU A 255 -7.42 -19.91 15.08
CA LEU A 255 -6.74 -20.86 14.22
C LEU A 255 -5.60 -20.14 13.49
N SER A 256 -5.78 -18.87 13.17
CA SER A 256 -4.72 -18.12 12.51
C SER A 256 -3.56 -17.86 13.47
N ALA A 257 -3.86 -17.51 14.71
CA ALA A 257 -2.80 -17.23 15.68
C ALA A 257 -1.98 -18.50 15.97
N LEU A 258 -2.66 -19.64 16.03
CA LEU A 258 -1.97 -20.91 16.31
C LEU A 258 -1.07 -21.28 15.13
N SER A 259 -1.57 -21.06 13.92
CA SER A 259 -0.82 -21.35 12.70
C SER A 259 0.39 -20.46 12.52
N PHE A 260 0.37 -19.30 13.16
CA PHE A 260 1.46 -18.36 12.98
C PHE A 260 2.52 -18.39 14.07
N GLY A 261 2.49 -19.37 14.97
CA GLY A 261 3.54 -19.43 15.98
C GLY A 261 3.27 -19.20 17.46
N SER A 262 2.03 -18.98 17.85
CA SER A 262 1.75 -18.76 19.25
C SER A 262 1.95 -20.06 20.04
N GLY A 263 2.59 -19.96 21.20
CA GLY A 263 2.82 -21.15 21.99
C GLY A 263 1.53 -21.85 22.39
N VAL A 264 0.52 -21.05 22.72
CA VAL A 264 -0.76 -21.58 23.13
C VAL A 264 -1.82 -20.58 22.70
N VAL A 265 -2.97 -21.09 22.29
CA VAL A 265 -4.05 -20.21 21.88
C VAL A 265 -5.36 -20.69 22.53
N SER A 266 -5.95 -19.81 23.33
CA SER A 266 -7.20 -20.13 24.02
C SER A 266 -8.31 -19.22 23.54
N VAL A 267 -9.55 -19.66 23.71
CA VAL A 267 -10.70 -18.87 23.32
C VAL A 267 -11.62 -18.68 24.52
N GLN A 268 -12.67 -17.90 24.34
CA GLN A 268 -13.62 -17.66 25.40
C GLN A 268 -14.92 -17.16 24.80
N ALA A 269 -15.99 -17.91 25.03
CA ALA A 269 -17.29 -17.55 24.52
C ALA A 269 -17.89 -16.38 25.30
N LEU A 270 -18.28 -15.34 24.59
CA LEU A 270 -18.89 -14.17 25.22
C LEU A 270 -20.35 -14.20 24.84
N GLU A 271 -20.66 -13.73 23.65
CA GLU A 271 -22.02 -13.66 23.15
C GLU A 271 -22.36 -14.86 22.28
N CYS A 272 -21.69 -15.98 22.49
CA CYS A 272 -21.93 -17.18 21.67
C CYS A 272 -21.97 -18.48 22.46
N GLU A 273 -22.60 -19.50 21.88
CA GLU A 273 -22.74 -20.79 22.54
C GLU A 273 -21.62 -21.80 22.26
N ILE A 274 -20.38 -21.36 22.33
CA ILE A 274 -19.25 -22.25 22.13
C ILE A 274 -18.70 -22.60 23.53
N THR A 275 -18.48 -23.89 23.77
CA THR A 275 -17.95 -24.35 25.05
C THR A 275 -16.88 -25.37 24.68
N SER A 276 -16.63 -26.33 25.57
CA SER A 276 -15.68 -27.39 25.23
C SER A 276 -16.48 -28.17 24.17
N ASN A 277 -17.65 -27.62 23.87
CA ASN A 277 -18.61 -28.12 22.90
C ASN A 277 -17.88 -28.55 21.62
N ASN A 278 -18.01 -27.79 20.55
CA ASN A 278 -17.32 -28.13 19.32
C ASN A 278 -15.94 -27.53 19.51
N LYS A 279 -15.69 -26.38 18.89
CA LYS A 279 -14.39 -25.76 19.06
C LYS A 279 -13.35 -26.74 18.53
N PRO A 280 -12.44 -26.26 17.69
CA PRO A 280 -11.42 -27.17 17.17
C PRO A 280 -10.59 -27.83 18.25
N LEU A 281 -10.16 -29.06 17.96
CA LEU A 281 -9.34 -29.84 18.88
C LEU A 281 -8.04 -29.12 19.25
N GLU A 282 -7.57 -28.23 18.37
CA GLU A 282 -6.31 -27.53 18.62
C GLU A 282 -6.39 -26.28 19.49
N LEU A 283 -7.60 -25.77 19.70
CA LEU A 283 -7.79 -24.59 20.53
C LEU A 283 -8.14 -24.96 21.97
N VAL A 284 -7.72 -24.11 22.89
CA VAL A 284 -7.99 -24.32 24.31
C VAL A 284 -9.16 -23.40 24.67
N PHE A 285 -10.12 -23.92 25.42
CA PHE A 285 -11.27 -23.11 25.79
C PHE A 285 -11.20 -22.61 27.24
N CYS A 286 -11.63 -21.36 27.44
CA CYS A 286 -11.64 -20.76 28.77
C CYS A 286 -13.04 -20.33 29.17
N GLU A 287 -13.35 -20.42 30.46
CA GLU A 287 -14.64 -19.97 30.94
C GLU A 287 -14.48 -18.52 31.38
N ASN A 288 -13.24 -18.10 31.58
CA ASN A 288 -12.91 -16.74 32.01
C ASN A 288 -11.58 -16.26 31.45
N PHE A 289 -11.37 -14.95 31.50
CA PHE A 289 -10.14 -14.32 31.01
C PHE A 289 -8.98 -14.72 31.91
N PRO A 290 -7.86 -15.19 31.32
CA PRO A 290 -6.69 -15.59 32.12
C PRO A 290 -5.85 -14.40 32.55
N ASN A 291 -5.47 -14.36 33.83
CA ASN A 291 -4.66 -13.26 34.34
C ASN A 291 -3.24 -13.29 33.80
N LEU A 292 -2.86 -14.42 33.19
CA LEU A 292 -1.52 -14.54 32.64
C LEU A 292 -1.52 -14.87 31.16
N LEU A 293 -1.57 -13.83 30.34
CA LEU A 293 -1.55 -13.99 28.89
C LEU A 293 -0.50 -13.06 28.32
N SER A 294 -0.23 -13.19 27.03
CA SER A 294 0.76 -12.36 26.35
C SER A 294 0.05 -11.33 25.51
N ALA A 295 -1.20 -11.65 25.14
CA ALA A 295 -2.01 -10.76 24.31
C ALA A 295 -3.41 -11.33 24.06
N PHE A 296 -4.35 -10.45 23.71
CA PHE A 296 -5.71 -10.87 23.42
C PHE A 296 -6.29 -10.14 22.20
N ALA A 297 -7.35 -10.70 21.62
CA ALA A 297 -7.99 -10.11 20.45
C ALA A 297 -9.48 -9.92 20.76
N LEU A 298 -10.03 -8.81 20.27
CA LEU A 298 -11.43 -8.50 20.50
C LEU A 298 -12.01 -7.61 19.41
N GLY A 299 -13.24 -7.93 19.01
CA GLY A 299 -13.90 -7.14 17.99
C GLY A 299 -14.54 -7.94 16.88
N GLY A 301 -16.69 -10.24 14.93
CA GLY A 301 -18.00 -10.84 15.13
C GLY A 301 -18.58 -10.47 16.48
N LEU A 302 -18.15 -9.33 17.02
CA LEU A 302 -18.62 -8.87 18.32
C LEU A 302 -19.76 -7.86 18.20
N GLU A 303 -20.71 -7.95 19.12
CA GLU A 303 -21.87 -7.06 19.11
C GLU A 303 -21.80 -5.99 20.19
N ASN A 304 -21.20 -6.30 21.33
CA ASN A 304 -21.06 -5.35 22.43
C ASN A 304 -19.81 -5.55 23.27
N ILE A 305 -19.13 -4.44 23.57
CA ILE A 305 -17.92 -4.51 24.38
C ILE A 305 -18.27 -5.13 25.74
N PRO A 306 -17.48 -6.12 26.17
CA PRO A 306 -17.75 -6.77 27.46
C PRO A 306 -17.54 -5.85 28.65
N LYS A 307 -18.14 -6.25 29.76
CA LYS A 307 -18.06 -5.51 31.01
C LYS A 307 -16.61 -5.22 31.41
N ASP A 308 -15.90 -6.29 31.79
CA ASP A 308 -14.52 -6.23 32.26
C ASP A 308 -13.41 -5.76 31.30
N PHE A 309 -13.81 -5.11 30.21
CA PHE A 309 -12.86 -4.62 29.21
C PHE A 309 -11.60 -3.99 29.82
N ASN A 310 -11.77 -2.84 30.48
CA ASN A 310 -10.67 -2.08 31.09
C ASN A 310 -9.77 -2.88 32.01
N ARG A 311 -10.25 -4.00 32.51
CA ARG A 311 -9.41 -4.81 33.37
C ARG A 311 -8.39 -5.41 32.44
N TRP A 312 -8.90 -6.04 31.39
CA TRP A 312 -8.10 -6.69 30.39
C TRP A 312 -7.02 -5.79 29.79
N LEU A 313 -7.31 -4.50 29.64
CA LEU A 313 -6.32 -3.59 29.07
C LEU A 313 -5.10 -3.39 29.96
N GLU A 314 -5.16 -3.93 31.17
CA GLU A 314 -4.04 -3.81 32.08
C GLU A 314 -3.30 -5.15 32.10
N LEU A 315 -3.97 -6.21 31.65
CA LEU A 315 -3.39 -7.54 31.65
C LEU A 315 -2.39 -7.87 30.55
N ALA A 316 -2.57 -7.30 29.35
CA ALA A 316 -1.66 -7.59 28.23
C ALA A 316 -1.96 -6.77 26.99
N PRO A 317 -1.05 -6.79 26.01
CA PRO A 317 -1.20 -6.06 24.74
C PRO A 317 -2.41 -6.62 24.01
N CYS A 318 -2.92 -5.89 23.03
CA CYS A 318 -4.10 -6.38 22.33
C CYS A 318 -4.27 -5.82 20.92
N VAL A 319 -5.17 -6.46 20.18
CA VAL A 319 -5.53 -6.05 18.83
C VAL A 319 -7.04 -5.89 18.87
N LEU A 320 -7.51 -4.68 18.67
CA LEU A 320 -8.94 -4.39 18.67
C LEU A 320 -9.45 -4.36 17.22
N ASP A 321 -10.52 -5.10 16.96
CA ASP A 321 -11.06 -5.20 15.61
C ASP A 321 -12.53 -4.82 15.43
N ALA A 322 -12.95 -4.85 14.17
CA ALA A 322 -14.29 -4.55 13.70
C ALA A 322 -15.32 -3.93 14.65
N GLY A 323 -16.03 -4.80 15.37
CA GLY A 323 -17.08 -4.36 16.29
C GLY A 323 -16.84 -3.35 17.40
N VAL A 324 -15.60 -3.21 17.85
CA VAL A 324 -15.35 -2.26 18.93
C VAL A 324 -15.44 -0.80 18.53
N PHE A 325 -15.16 -0.50 17.27
CA PHE A 325 -15.17 0.88 16.80
C PHE A 325 -16.56 1.54 16.81
N TYR A 326 -17.59 0.79 17.17
CA TYR A 326 -18.93 1.36 17.23
C TYR A 326 -19.41 1.45 18.69
N HIS A 327 -18.47 1.62 19.61
CA HIS A 327 -18.78 1.70 21.04
C HIS A 327 -17.89 2.65 21.86
N LYS A 328 -18.52 3.65 22.48
CA LYS A 328 -17.83 4.65 23.31
C LYS A 328 -16.66 4.10 24.13
N GLU A 329 -16.81 2.87 24.61
CA GLU A 329 -15.77 2.26 25.45
C GLU A 329 -14.45 1.99 24.71
N ILE A 330 -14.48 2.04 23.38
CA ILE A 330 -13.26 1.83 22.62
C ILE A 330 -12.32 3.00 22.86
N LEU A 331 -12.74 3.91 23.72
CA LEU A 331 -11.95 5.09 24.02
C LEU A 331 -10.88 4.87 25.06
N GLN A 332 -11.19 4.02 26.03
CA GLN A 332 -10.27 3.73 27.13
C GLN A 332 -9.03 3.01 26.65
N ALA A 333 -9.09 2.47 25.43
CA ALA A 333 -7.97 1.73 24.85
C ALA A 333 -6.97 2.61 24.09
N LEU A 334 -7.34 3.86 23.82
CA LEU A 334 -6.48 4.78 23.09
C LEU A 334 -5.17 5.19 23.76
N GLU A 335 -5.03 4.88 25.04
CA GLU A 335 -3.81 5.20 25.77
C GLU A 335 -3.08 3.93 26.19
N LYS A 336 -3.44 2.82 25.54
CA LYS A 336 -2.83 1.53 25.85
C LYS A 336 -2.06 0.96 24.67
N GLU A 337 -1.38 -0.15 24.91
CA GLU A 337 -0.60 -0.82 23.86
C GLU A 337 -1.59 -1.57 22.98
N ALA A 338 -2.12 -0.89 21.97
CA ALA A 338 -3.10 -1.54 21.12
C ALA A 338 -2.92 -1.31 19.64
N VAL A 339 -3.35 -2.31 18.89
CA VAL A 339 -3.32 -2.25 17.45
C VAL A 339 -4.77 -2.16 17.02
N LEU A 340 -5.13 -1.06 16.38
CA LEU A 340 -6.48 -0.84 15.89
C LEU A 340 -6.57 -1.33 14.44
N THR A 341 -7.58 -2.16 14.16
CA THR A 341 -7.76 -2.72 12.82
C THR A 341 -9.10 -2.30 12.19
N PRO A 342 -9.31 -0.97 12.06
CA PRO A 342 -10.56 -0.43 11.48
C PRO A 342 -10.66 -0.35 9.97
N HIS A 343 -11.90 -0.45 9.49
CA HIS A 343 -12.24 -0.31 8.06
C HIS A 343 -12.59 1.18 7.96
N PRO A 344 -12.72 1.72 6.73
CA PRO A 344 -13.05 3.15 6.66
C PRO A 344 -14.29 3.50 7.50
N LYS A 345 -15.36 2.71 7.38
CA LYS A 345 -16.56 2.98 8.17
C LYS A 345 -16.18 2.92 9.65
N GLU A 346 -15.71 1.75 10.07
CA GLU A 346 -15.28 1.52 11.45
C GLU A 346 -14.43 2.67 11.95
N PHE A 347 -13.63 3.26 11.06
CA PHE A 347 -12.75 4.37 11.43
C PHE A 347 -13.51 5.68 11.45
N LEU A 348 -14.45 5.83 10.52
CA LEU A 348 -15.28 7.03 10.50
C LEU A 348 -15.88 7.13 11.90
N SER A 349 -16.41 6.01 12.37
CA SER A 349 -17.01 5.97 13.70
C SER A 349 -15.98 6.31 14.76
N LEU A 350 -14.76 5.83 14.61
CA LEU A 350 -13.74 6.12 15.61
C LEU A 350 -13.55 7.63 15.70
N LEU A 351 -13.20 8.29 14.60
CA LEU A 351 -13.05 9.74 14.61
C LEU A 351 -14.48 10.20 14.74
N ASN A 352 -14.87 10.54 15.96
CA ASN A 352 -16.24 10.96 16.20
C ASN A 352 -16.39 10.78 17.68
N LEU A 353 -16.02 9.59 18.15
CA LEU A 353 -16.08 9.32 19.57
C LEU A 353 -14.95 10.15 20.12
N VAL A 354 -14.10 10.62 19.21
CA VAL A 354 -12.96 11.43 19.60
C VAL A 354 -13.18 12.91 19.30
N GLY A 355 -14.31 13.24 18.66
CA GLY A 355 -14.61 14.62 18.37
C GLY A 355 -14.26 15.05 16.96
N ILE A 356 -14.37 14.12 16.01
CA ILE A 356 -14.06 14.43 14.62
C ILE A 356 -15.07 13.85 13.64
N ASN A 357 -15.89 14.73 13.05
CA ASN A 357 -16.89 14.29 12.09
C ASN A 357 -16.55 14.63 10.66
N ILE A 358 -16.36 13.58 9.87
CA ILE A 358 -16.00 13.67 8.48
C ILE A 358 -16.92 12.70 7.77
N SER A 359 -17.06 12.85 6.46
CA SER A 359 -17.86 11.93 5.69
C SER A 359 -16.81 11.06 5.01
N LEU A 361 -14.99 11.68 3.01
CA LEU A 361 -14.22 12.76 2.40
C LEU A 361 -12.85 12.58 3.03
N GLU A 362 -12.76 11.55 3.87
CA GLU A 362 -11.54 11.18 4.53
C GLU A 362 -10.79 10.26 3.56
N LEU A 363 -11.48 9.88 2.49
CA LEU A 363 -10.89 9.04 1.45
C LEU A 363 -9.92 9.94 0.68
N LEU A 364 -10.27 11.21 0.59
CA LEU A 364 -9.46 12.20 -0.11
C LEU A 364 -8.23 12.62 0.71
N ASP A 365 -8.15 12.17 1.95
CA ASP A 365 -7.05 12.48 2.85
C ASP A 365 -6.72 11.25 3.70
N ASN A 366 -7.15 10.09 3.22
CA ASN A 366 -6.95 8.83 3.92
C ASN A 366 -5.72 8.77 4.78
N LYS A 367 -4.56 8.99 4.18
CA LYS A 367 -3.32 8.87 4.93
C LYS A 367 -2.88 10.03 5.83
N LEU A 368 -2.79 11.24 5.31
CA LEU A 368 -2.33 12.30 6.17
C LEU A 368 -3.41 12.67 7.13
N ALA A 371 -4.94 9.81 9.17
CA ALA A 371 -4.35 8.61 9.79
C ALA A 371 -3.08 8.96 10.54
N ARG A 372 -2.22 9.71 9.87
CA ARG A 372 -0.97 10.13 10.49
C ARG A 372 -1.31 11.00 11.68
N ASP A 373 -2.19 11.98 11.47
CA ASP A 373 -2.56 12.87 12.58
C ASP A 373 -3.13 12.08 13.75
N PHE A 374 -4.00 11.14 13.44
CA PHE A 374 -4.61 10.32 14.48
C PHE A 374 -3.54 9.68 15.36
N SER A 375 -2.52 9.11 14.72
CA SER A 375 -1.45 8.43 15.45
C SER A 375 -0.59 9.37 16.28
N GLN A 376 -0.36 10.59 15.80
CA GLN A 376 0.43 11.56 16.55
C GLN A 376 -0.37 11.99 17.77
N LYS A 377 -1.68 11.85 17.68
CA LYS A 377 -2.60 12.20 18.75
C LYS A 377 -2.60 11.12 19.83
N TYR A 378 -2.39 9.88 19.41
CA TYR A 378 -2.36 8.73 20.32
C TYR A 378 -1.12 7.92 20.02
N PRO A 379 0.03 8.37 20.52
CA PRO A 379 1.35 7.76 20.34
C PRO A 379 1.54 6.33 20.88
N LYS A 380 0.67 5.92 21.80
CA LYS A 380 0.79 4.59 22.38
C LYS A 380 0.04 3.52 21.60
N VAL A 381 -0.55 3.92 20.49
CA VAL A 381 -1.34 2.99 19.69
C VAL A 381 -0.80 2.82 18.29
N VAL A 382 -1.26 1.77 17.60
CA VAL A 382 -0.87 1.50 16.23
C VAL A 382 -2.15 1.47 15.44
N LEU A 383 -2.19 2.23 14.36
CA LEU A 383 -3.39 2.27 13.55
C LEU A 383 -3.20 1.54 12.22
N LEU A 384 -4.03 0.55 11.97
CA LEU A 384 -3.96 -0.17 10.72
C LEU A 384 -5.28 0.13 10.04
N LEU A 385 -5.23 1.06 9.11
CA LEU A 385 -6.43 1.45 8.38
C LEU A 385 -6.51 0.61 7.12
N LYS A 386 -7.60 -0.14 7.00
CA LYS A 386 -7.80 -1.02 5.87
C LYS A 386 -8.27 -0.27 4.62
N GLY A 387 -7.99 -0.87 3.46
CA GLY A 387 -8.35 -0.30 2.18
C GLY A 387 -7.63 -1.07 1.09
N ALA A 388 -7.89 -0.74 -0.18
CA ALA A 388 -7.22 -1.42 -1.28
C ALA A 388 -5.74 -1.47 -0.89
N ASN A 389 -5.23 -0.37 -0.37
CA ASN A 389 -3.86 -0.29 0.13
C ASN A 389 -4.01 -0.08 1.62
N THR A 390 -3.21 -0.81 2.39
CA THR A 390 -3.26 -0.72 3.84
C THR A 390 -2.34 0.36 4.39
N LEU A 391 -2.85 1.13 5.33
CA LEU A 391 -2.06 2.18 5.97
C LEU A 391 -1.80 1.75 7.42
N ILE A 392 -0.53 1.74 7.81
CA ILE A 392 -0.16 1.37 9.16
C ILE A 392 0.46 2.60 9.79
N ALA A 393 -0.26 3.22 10.72
CA ALA A 393 0.23 4.44 11.35
C ALA A 393 0.59 4.33 12.82
N HIS A 394 1.78 4.82 13.16
CA HIS A 394 2.28 4.83 14.52
C HIS A 394 3.00 6.15 14.73
N GLN A 395 2.56 6.90 15.74
CA GLN A 395 3.14 8.18 16.03
C GLN A 395 3.28 9.04 14.77
N GLY A 396 4.47 9.44 14.38
CA GLY A 396 4.52 10.26 13.19
C GLY A 396 4.56 9.50 11.88
N GLN A 397 5.13 8.30 11.93
CA GLN A 397 5.32 7.45 10.76
C GLN A 397 4.13 6.72 10.17
N VAL A 398 4.18 6.53 8.86
CA VAL A 398 3.17 5.80 8.11
C VAL A 398 3.86 4.83 7.15
N PHE A 399 3.40 3.59 7.20
CA PHE A 399 3.94 2.51 6.38
C PHE A 399 2.78 2.01 5.54
N ILE A 400 2.95 2.03 4.21
CA ILE A 400 1.90 1.60 3.31
C ILE A 400 2.19 0.26 2.67
N ASN A 401 1.17 -0.59 2.66
CA ASN A 401 1.28 -1.92 2.07
C ASN A 401 0.37 -2.00 0.86
N ILE A 402 0.98 -2.15 -0.31
CA ILE A 402 0.22 -2.23 -1.55
C ILE A 402 0.32 -3.61 -2.22
N LEU A 403 0.79 -4.60 -1.49
CA LEU A 403 0.97 -5.95 -2.02
C LEU A 403 -0.25 -6.90 -2.05
N GLY A 404 -1.19 -6.70 -1.12
CA GLY A 404 -2.35 -7.57 -1.08
C GLY A 404 -3.09 -7.77 -2.38
N SER A 405 -3.80 -8.88 -2.50
CA SER A 405 -4.58 -9.19 -3.69
C SER A 405 -6.04 -8.86 -3.40
N VAL A 406 -6.75 -8.41 -4.43
CA VAL A 406 -8.17 -8.07 -4.30
C VAL A 406 -8.89 -9.34 -3.89
N ALA A 407 -8.18 -10.45 -3.96
CA ALA A 407 -8.76 -11.73 -3.58
C ALA A 407 -9.20 -11.64 -2.13
N LEU A 408 -8.64 -10.69 -1.39
CA LEU A 408 -8.95 -10.54 0.02
C LEU A 408 -10.30 -9.93 0.39
N ALA A 409 -11.15 -9.60 -0.57
CA ALA A 409 -12.45 -9.04 -0.22
C ALA A 409 -13.09 -9.95 0.82
N LYS A 410 -13.42 -11.18 0.43
CA LYS A 410 -14.01 -12.16 1.34
C LYS A 410 -14.09 -11.87 2.83
N ALA A 411 -15.28 -12.10 3.39
CA ALA A 411 -15.51 -11.92 4.82
C ALA A 411 -14.69 -13.04 5.45
N GLY A 412 -14.04 -12.75 6.57
CA GLY A 412 -13.22 -13.76 7.22
C GLY A 412 -11.77 -13.40 6.91
N SER A 413 -11.56 -12.85 5.73
CA SER A 413 -10.24 -12.43 5.30
C SER A 413 -9.63 -11.56 6.41
N GLY A 414 -10.48 -10.75 7.02
CA GLY A 414 -10.04 -9.85 8.08
C GLY A 414 -9.80 -10.53 9.42
N ASP A 415 -10.52 -11.63 9.68
CA ASP A 415 -10.36 -12.34 10.95
C ASP A 415 -9.00 -13.06 10.99
N VAL A 416 -8.49 -13.44 9.83
CA VAL A 416 -7.20 -14.11 9.78
C VAL A 416 -6.11 -13.09 10.05
N LEU A 417 -6.32 -11.87 9.56
CA LEU A 417 -5.35 -10.80 9.75
C LEU A 417 -5.22 -10.50 11.24
N ALA A 418 -6.36 -10.45 11.94
CA ALA A 418 -6.37 -10.19 13.37
C ALA A 418 -5.63 -11.30 14.11
N GLY A 419 -5.79 -12.54 13.63
CA GLY A 419 -5.11 -13.65 14.28
C GLY A 419 -3.62 -13.50 14.12
N LEU A 420 -3.19 -13.06 12.95
CA LEU A 420 -1.77 -12.88 12.68
C LEU A 420 -1.16 -11.81 13.58
N ILE A 421 -1.81 -10.64 13.65
CA ILE A 421 -1.28 -9.58 14.49
C ILE A 421 -1.27 -10.06 15.95
N LEU A 422 -2.32 -10.80 16.32
CA LEU A 422 -2.43 -11.34 17.67
C LEU A 422 -1.27 -12.28 18.00
N SER A 423 -0.94 -13.16 17.06
CA SER A 423 0.14 -14.12 17.23
C SER A 423 1.46 -13.40 17.46
N LEU A 424 1.76 -12.42 16.60
CA LEU A 424 3.00 -11.67 16.75
C LEU A 424 3.04 -10.91 18.07
N LEU A 425 1.90 -10.40 18.53
CA LEU A 425 1.89 -9.70 19.81
C LEU A 425 2.19 -10.69 20.93
N SER A 426 1.68 -11.92 20.80
CA SER A 426 1.91 -12.95 21.81
C SER A 426 3.35 -13.46 21.76
N GLN A 427 4.00 -13.28 20.62
CA GLN A 427 5.39 -13.73 20.46
C GLN A 427 6.34 -12.58 20.79
N ASN A 428 5.75 -11.52 21.36
CA ASN A 428 6.47 -10.33 21.81
C ASN A 428 7.03 -9.35 20.78
N TYR A 429 6.44 -9.29 19.59
CA TYR A 429 6.86 -8.32 18.58
C TYR A 429 6.28 -7.01 19.13
N THR A 430 6.84 -5.87 18.74
CA THR A 430 6.27 -4.62 19.21
C THR A 430 4.97 -4.42 18.44
N PRO A 431 4.03 -3.64 19.00
CA PRO A 431 2.77 -3.41 18.30
C PRO A 431 2.94 -3.01 16.84
N LEU A 432 3.83 -2.07 16.59
CA LEU A 432 4.07 -1.62 15.21
C LEU A 432 4.61 -2.77 14.35
N ASP A 433 5.59 -3.50 14.88
CA ASP A 433 6.16 -4.63 14.14
C ASP A 433 5.14 -5.73 13.91
N ALA A 434 4.20 -5.92 14.83
CA ALA A 434 3.20 -6.95 14.66
C ALA A 434 2.20 -6.58 13.57
N ALA A 435 1.94 -5.29 13.42
CA ALA A 435 1.01 -4.81 12.40
C ALA A 435 1.68 -4.87 11.02
N ILE A 436 2.94 -4.43 10.97
CA ILE A 436 3.68 -4.44 9.72
C ILE A 436 3.85 -5.84 9.13
N ASN A 437 4.36 -6.76 9.95
CA ASN A 437 4.60 -8.10 9.46
C ASN A 437 3.35 -8.91 9.24
N ALA A 438 2.34 -8.74 10.10
CA ALA A 438 1.11 -9.47 9.92
C ALA A 438 0.49 -9.03 8.60
N SER A 439 0.49 -7.72 8.36
CA SER A 439 -0.08 -7.18 7.13
C SER A 439 0.63 -7.74 5.90
N LEU A 440 1.96 -7.91 5.99
CA LEU A 440 2.76 -8.45 4.88
C LEU A 440 2.60 -9.95 4.66
N ALA A 441 2.60 -10.73 5.76
CA ALA A 441 2.43 -12.17 5.65
C ALA A 441 1.07 -12.35 5.00
N HIS A 442 0.09 -11.71 5.60
CA HIS A 442 -1.27 -11.70 5.09
C HIS A 442 -0.97 -10.89 3.82
N ALA A 443 -1.66 -11.14 2.72
CA ALA A 443 -1.40 -10.39 1.46
C ALA A 443 -0.42 -11.15 0.59
N LEU A 444 0.82 -11.29 1.07
CA LEU A 444 1.81 -12.05 0.34
C LEU A 444 1.19 -13.44 0.18
N ALA A 445 0.49 -13.87 1.23
CA ALA A 445 -0.17 -15.17 1.23
C ALA A 445 -1.39 -15.17 0.31
N SER A 446 -2.01 -14.00 0.12
CA SER A 446 -3.18 -13.94 -0.73
C SER A 446 -2.80 -14.09 -2.20
N LEU A 447 -1.52 -13.88 -2.50
CA LEU A 447 -1.05 -14.01 -3.88
C LEU A 447 -0.93 -15.47 -4.32
N GLU A 448 -1.03 -16.39 -3.35
CA GLU A 448 -0.89 -17.82 -3.61
C GLU A 448 -2.14 -18.54 -4.06
N PHE A 449 -3.12 -17.82 -4.60
CA PHE A 449 -4.35 -18.44 -5.06
C PHE A 449 -4.47 -18.44 -6.59
N LYS A 450 -4.73 -19.61 -7.16
CA LYS A 450 -4.87 -19.70 -8.60
C LYS A 450 -5.89 -18.69 -9.10
N ASN A 451 -7.08 -18.72 -8.51
CA ASN A 451 -8.14 -17.80 -8.90
C ASN A 451 -8.48 -16.80 -7.80
N ASN A 452 -8.43 -15.52 -8.15
CA ASN A 452 -8.69 -14.48 -7.17
C ASN A 452 -10.14 -14.39 -6.70
N TYR A 453 -10.94 -15.41 -7.03
CA TYR A 453 -12.34 -15.45 -6.59
C TYR A 453 -12.54 -16.61 -5.61
N ALA A 454 -11.54 -17.47 -5.48
CA ALA A 454 -11.64 -18.65 -4.61
C ALA A 454 -10.90 -18.56 -3.28
N LEU A 455 -10.69 -17.34 -2.79
CA LEU A 455 -9.99 -17.14 -1.53
C LEU A 455 -10.92 -17.36 -0.34
N THR A 456 -10.56 -18.29 0.54
CA THR A 456 -11.35 -18.55 1.73
C THR A 456 -10.45 -18.52 2.98
N PRO A 457 -11.01 -18.16 4.14
CA PRO A 457 -10.27 -18.09 5.40
C PRO A 457 -9.35 -19.29 5.71
N LEU A 458 -9.91 -20.50 5.68
CA LEU A 458 -9.12 -21.69 5.98
C LEU A 458 -8.02 -21.94 4.95
N ASP A 459 -8.34 -21.76 3.68
CA ASP A 459 -7.35 -21.93 2.63
C ASP A 459 -6.24 -20.89 2.80
N LEU A 460 -6.63 -19.68 3.19
CA LEU A 460 -5.66 -18.60 3.37
C LEU A 460 -4.68 -18.91 4.50
N ILE A 461 -5.14 -19.62 5.51
CA ILE A 461 -4.30 -19.97 6.64
C ILE A 461 -3.25 -20.99 6.23
N GLU A 462 -3.65 -21.97 5.42
CA GLU A 462 -2.72 -23.00 4.96
C GLU A 462 -1.59 -22.34 4.19
N LYS A 463 -1.96 -21.39 3.33
CA LYS A 463 -1.00 -20.64 2.54
C LYS A 463 -0.03 -19.95 3.49
N ILE A 464 -0.54 -19.47 4.62
CA ILE A 464 0.29 -18.79 5.59
C ILE A 464 1.26 -19.79 6.22
N LYS A 465 0.76 -20.98 6.53
CA LYS A 465 1.59 -22.00 7.13
C LYS A 465 2.82 -22.27 6.26
N GLN A 466 2.72 -22.00 4.96
CA GLN A 466 3.87 -22.24 4.10
C GLN A 466 4.38 -21.03 3.32
N LEU A 467 4.06 -19.84 3.79
CA LEU A 467 4.52 -18.64 3.14
C LEU A 467 6.02 -18.84 2.91
N GLU A 468 6.47 -18.55 1.69
CA GLU A 468 7.87 -18.71 1.31
C GLU A 468 8.77 -17.63 1.92
#